data_5CXP
#
_entry.id   5CXP
#
_cell.length_a   81.483
_cell.length_b   91.866
_cell.length_c   141.251
_cell.angle_alpha   90.00
_cell.angle_beta   90.00
_cell.angle_gamma   90.00
#
_symmetry.space_group_name_H-M   'C 2 2 21'
#
loop_
_entity.id
_entity.type
_entity.pdbx_description
1 polymer 'Possible xylan degradation enzyme (Glycosyl hydrolase family 30-like domain and Ricin B-like domain)'
2 non-polymer 'SODIUM ION'
3 non-polymer 'CHLORIDE ION'
4 non-polymer 'HEXAETHYLENE GLYCOL'
5 water water
#
_entity_poly.entity_id   1
_entity_poly.type   'polypeptide(L)'
_entity_poly.pdbx_seq_one_letter_code
;MASNDATINVAAKHQTIRGFGASSAWCGALSDTCMDTLYKNAGLDILRVRIAPNEGWNRGDYRAWADELSNAKKVRARGG
IVFATPWTPPASMKTNNTTTGANKGSLKPSSYAAYAAYLKTFVKYMSDNGAPLYALSLQNEPDWAPDYDACTWTAQQFHD
FLKQYGASLSSTIKIIMPESLGFNPAMSDPTLNDPTTAQYVSIIGGHLYGSPIRDYPLARNKGKDIWMTEHYLEGNDPGT
CVKLAKEIHDCMTIGNMNAYVYWWISGDQNGLYNTRTNETYKKTYVMGQFSKFIGNGYSRVDATNSPQSNVYVSAYTGNN
KVVIVAINQGTYPVNQSFNVQNSTVSNVSSWVSSGTLNMAKTNSNISAANGRFNASLPAQSVTTFVADAL
;
_entity_poly.pdbx_strand_id   A
#
# COMPACT_ATOMS: atom_id res chain seq x y z
N SER A 3 21.41 -22.80 -17.08
CA SER A 3 19.95 -23.20 -17.13
C SER A 3 19.09 -22.30 -16.23
N ASN A 4 17.84 -22.15 -16.70
CA ASN A 4 16.79 -21.31 -16.14
C ASN A 4 17.20 -20.12 -15.25
N ASP A 5 17.81 -19.21 -15.96
CA ASP A 5 18.24 -17.93 -15.49
C ASP A 5 17.07 -17.10 -15.15
N ALA A 6 17.26 -16.20 -14.21
CA ALA A 6 16.42 -15.05 -14.01
C ALA A 6 17.09 -13.94 -14.80
N THR A 7 16.49 -13.54 -15.91
CA THR A 7 17.01 -12.48 -16.74
C THR A 7 16.35 -11.17 -16.38
N ILE A 8 17.15 -10.14 -16.12
CA ILE A 8 16.70 -8.81 -15.72
C ILE A 8 17.06 -7.83 -16.84
N ASN A 9 16.09 -7.15 -17.40
CA ASN A 9 16.35 -6.17 -18.43
C ASN A 9 16.01 -4.74 -18.02
N VAL A 10 17.05 -4.01 -17.69
CA VAL A 10 16.89 -2.68 -17.14
C VAL A 10 16.34 -1.72 -18.16
N ALA A 11 16.43 -2.07 -19.44
CA ALA A 11 15.90 -1.22 -20.45
C ALA A 11 14.38 -1.32 -20.58
N ALA A 12 13.75 -2.37 -20.05
CA ALA A 12 12.31 -2.52 -20.19
C ALA A 12 11.65 -2.06 -18.88
N LYS A 13 11.22 -0.81 -18.83
CA LYS A 13 10.70 -0.22 -17.60
C LYS A 13 9.18 -0.31 -17.51
N HIS A 14 8.68 -0.46 -16.30
CA HIS A 14 7.23 -0.57 -16.01
C HIS A 14 6.83 0.58 -15.10
N GLN A 15 6.11 0.33 -14.01
CA GLN A 15 5.59 1.42 -13.23
C GLN A 15 6.60 1.99 -12.24
N THR A 16 6.33 3.22 -11.82
CA THR A 16 7.10 3.88 -10.82
C THR A 16 6.59 3.44 -9.44
N ILE A 17 7.53 3.17 -8.53
CA ILE A 17 7.19 2.68 -7.20
C ILE A 17 7.11 3.81 -6.19
N ARG A 18 5.91 4.05 -5.62
CA ARG A 18 5.72 5.10 -4.61
C ARG A 18 6.19 4.68 -3.24
N GLY A 19 6.07 3.38 -2.89
CA GLY A 19 6.43 2.87 -1.60
C GLY A 19 5.55 1.74 -1.10
N PHE A 20 5.74 1.47 0.17
CA PHE A 20 5.17 0.35 0.89
C PHE A 20 4.85 0.90 2.30
N GLY A 21 3.78 0.43 2.88
CA GLY A 21 3.37 0.88 4.18
C GLY A 21 2.34 0.04 4.90
N ALA A 22 1.66 0.69 5.83
CA ALA A 22 0.73 0.02 6.71
C ALA A 22 -0.20 1.10 7.27
N SER A 23 -1.15 0.67 8.06
CA SER A 23 -2.16 1.57 8.62
C SER A 23 -2.08 1.71 10.12
N SER A 24 -2.39 2.92 10.58
CA SER A 24 -2.48 3.18 12.00
C SER A 24 -3.96 3.23 12.46
N ALA A 25 -4.89 2.83 11.59
CA ALA A 25 -6.33 2.93 11.94
C ALA A 25 -6.58 2.10 13.22
N TRP A 26 -7.24 2.71 14.21
CA TRP A 26 -7.60 2.08 15.49
C TRP A 26 -6.36 1.60 16.30
N CYS A 27 -5.20 2.20 16.04
CA CYS A 27 -4.00 1.79 16.75
C CYS A 27 -3.59 2.79 17.83
N GLY A 28 -4.48 3.72 18.18
CA GLY A 28 -4.14 4.74 19.11
C GLY A 28 -3.00 5.62 18.60
N ALA A 29 -2.25 6.22 19.53
CA ALA A 29 -1.09 7.01 19.19
C ALA A 29 0.17 6.22 19.36
N LEU A 30 0.72 5.72 18.25
CA LEU A 30 1.83 4.81 18.27
C LEU A 30 3.11 5.45 18.78
N SER A 31 3.94 4.66 19.46
CA SER A 31 5.15 5.11 20.08
C SER A 31 6.24 5.40 19.06
N ASP A 32 7.23 6.12 19.54
CA ASP A 32 8.44 6.39 18.74
C ASP A 32 9.16 5.12 18.41
N THR A 33 9.26 4.19 19.36
CA THR A 33 9.91 2.92 19.09
C THR A 33 9.27 2.09 18.00
N CYS A 34 7.95 2.03 18.02
CA CYS A 34 7.19 1.35 16.94
C CYS A 34 7.44 1.98 15.61
N MET A 35 7.31 3.29 15.58
CA MET A 35 7.53 4.05 14.34
C MET A 35 8.97 3.97 13.85
N ASP A 36 9.94 4.00 14.74
CA ASP A 36 11.32 3.76 14.31
C ASP A 36 11.50 2.39 13.71
N THR A 37 10.95 1.35 14.37
CA THR A 37 11.06 0.00 13.88
C THR A 37 10.56 -0.19 12.44
N LEU A 38 9.44 0.43 12.14
CA LEU A 38 8.74 0.24 10.91
C LEU A 38 9.20 1.23 9.83
N TYR A 39 9.35 2.50 10.21
CA TYR A 39 9.55 3.56 9.27
C TYR A 39 11.01 3.96 9.11
N LYS A 40 11.88 3.54 10.00
CA LYS A 40 13.32 3.75 9.83
CA LYS A 40 13.32 3.77 9.87
C LYS A 40 13.97 2.41 9.51
N ASN A 41 13.91 1.44 10.41
CA ASN A 41 14.66 0.20 10.22
CA ASN A 41 14.66 0.19 10.27
C ASN A 41 14.14 -0.64 9.10
N ALA A 42 12.84 -0.90 9.08
CA ALA A 42 12.25 -1.65 7.93
C ALA A 42 12.05 -0.80 6.69
N GLY A 43 12.03 0.50 6.82
CA GLY A 43 12.03 1.38 5.64
C GLY A 43 10.64 1.52 5.01
N LEU A 44 9.58 1.20 5.75
CA LEU A 44 8.28 1.54 5.25
C LEU A 44 8.22 3.06 5.06
N ASP A 45 7.38 3.51 4.16
CA ASP A 45 7.30 4.93 3.89
C ASP A 45 5.97 5.47 3.45
N ILE A 46 4.94 4.70 3.74
CA ILE A 46 3.57 5.13 3.56
C ILE A 46 2.76 4.78 4.80
N LEU A 47 1.93 5.73 5.24
CA LEU A 47 1.07 5.52 6.36
C LEU A 47 -0.34 5.84 5.93
N ARG A 48 -1.25 4.92 6.21
CA ARG A 48 -2.68 5.08 6.02
C ARG A 48 -3.35 5.36 7.36
N VAL A 49 -3.83 6.58 7.55
CA VAL A 49 -4.56 6.91 8.80
C VAL A 49 -6.05 6.80 8.53
N ARG A 50 -6.83 6.59 9.59
CA ARG A 50 -8.27 6.59 9.51
C ARG A 50 -8.78 7.97 9.88
N ILE A 51 -9.84 8.38 9.21
CA ILE A 51 -10.58 9.55 9.68
C ILE A 51 -11.74 9.07 10.55
N ALA A 52 -11.59 9.20 11.83
CA ALA A 52 -12.60 8.76 12.77
C ALA A 52 -13.83 9.63 12.59
N PRO A 53 -15.04 9.06 12.74
CA PRO A 53 -16.22 9.92 12.51
C PRO A 53 -16.27 11.01 13.55
N ASN A 54 -16.35 12.28 13.18
CA ASN A 54 -16.16 13.38 14.13
C ASN A 54 -17.31 14.37 14.08
N GLU A 55 -18.21 14.27 15.03
CA GLU A 55 -19.40 15.15 14.97
C GLU A 55 -19.10 16.60 15.18
N GLY A 56 -17.99 16.91 15.81
CA GLY A 56 -17.60 18.26 16.10
C GLY A 56 -16.80 18.91 15.00
N TRP A 57 -16.68 18.23 13.86
CA TRP A 57 -15.82 18.79 12.78
C TRP A 57 -16.08 20.26 12.35
N ASN A 58 -17.31 20.69 12.40
CA ASN A 58 -17.62 22.02 11.92
C ASN A 58 -17.71 23.07 13.06
N ARG A 59 -17.31 22.72 14.28
CA ARG A 59 -17.21 23.69 15.38
C ARG A 59 -15.83 23.63 15.99
N GLY A 60 -14.81 23.30 15.20
CA GLY A 60 -13.46 23.25 15.70
C GLY A 60 -13.11 22.24 16.78
N ASP A 61 -13.82 21.13 16.87
CA ASP A 61 -13.48 20.12 17.80
C ASP A 61 -12.85 18.97 16.99
N TYR A 62 -11.55 18.83 17.14
CA TYR A 62 -10.76 17.81 16.43
C TYR A 62 -10.22 16.73 17.30
N ARG A 63 -10.75 16.60 18.51
CA ARG A 63 -10.19 15.63 19.43
C ARG A 63 -10.18 14.22 18.84
N ALA A 64 -11.25 13.89 18.10
CA ALA A 64 -11.37 12.52 17.52
C ALA A 64 -10.22 12.20 16.54
N TRP A 65 -9.56 13.25 16.03
CA TRP A 65 -8.54 13.11 15.03
C TRP A 65 -7.10 13.26 15.54
N ALA A 66 -6.94 13.57 16.83
CA ALA A 66 -5.61 13.90 17.30
C ALA A 66 -4.64 12.71 17.33
N ASP A 67 -5.12 11.49 17.56
CA ASP A 67 -4.20 10.36 17.58
C ASP A 67 -3.61 10.15 16.20
N GLU A 68 -4.43 10.28 15.17
CA GLU A 68 -3.89 10.16 13.81
C GLU A 68 -2.95 11.26 13.38
N LEU A 69 -3.23 12.48 13.80
CA LEU A 69 -2.30 13.58 13.69
C LEU A 69 -0.98 13.16 14.24
N SER A 70 -0.95 12.61 15.44
CA SER A 70 0.31 12.18 16.05
C SER A 70 1.01 11.14 15.20
N ASN A 71 0.29 10.13 14.76
CA ASN A 71 0.89 9.10 13.88
C ASN A 71 1.50 9.66 12.60
N ALA A 72 0.70 10.52 11.95
CA ALA A 72 1.11 11.26 10.73
C ALA A 72 2.38 12.03 10.92
N LYS A 73 2.50 12.73 12.04
CA LYS A 73 3.72 13.52 12.26
C LYS A 73 4.95 12.64 12.42
N LYS A 74 4.78 11.51 13.12
CA LYS A 74 5.88 10.60 13.32
C LYS A 74 6.38 9.98 12.04
N VAL A 75 5.47 9.61 11.15
CA VAL A 75 5.84 9.07 9.89
C VAL A 75 6.50 10.11 8.99
N ARG A 76 5.97 11.31 8.96
CA ARG A 76 6.58 12.38 8.13
CA ARG A 76 6.59 12.39 8.16
C ARG A 76 8.01 12.66 8.64
N ALA A 77 8.22 12.67 9.95
CA ALA A 77 9.54 12.90 10.51
C ALA A 77 10.53 11.80 10.14
N ARG A 78 10.04 10.61 9.84
CA ARG A 78 10.80 9.48 9.38
C ARG A 78 10.82 9.29 7.86
N GLY A 79 10.46 10.35 7.12
CA GLY A 79 10.58 10.36 5.63
C GLY A 79 9.43 9.76 4.83
N GLY A 80 8.28 9.53 5.48
CA GLY A 80 7.13 8.85 4.84
C GLY A 80 6.10 9.83 4.40
N ILE A 81 5.14 9.34 3.61
CA ILE A 81 3.98 10.11 3.17
C ILE A 81 2.77 9.50 3.85
N VAL A 82 1.70 10.28 3.90
CA VAL A 82 0.51 9.85 4.68
C VAL A 82 -0.73 10.03 3.79
N PHE A 83 -1.58 9.00 3.74
CA PHE A 83 -2.92 9.17 3.17
C PHE A 83 -3.97 8.79 4.21
N ALA A 84 -5.14 9.36 4.01
CA ALA A 84 -6.24 9.15 4.92
C ALA A 84 -7.42 8.43 4.29
N THR A 85 -8.03 7.52 5.04
CA THR A 85 -9.23 6.83 4.58
C THR A 85 -10.33 7.03 5.63
N PRO A 86 -11.52 7.48 5.22
CA PRO A 86 -12.71 7.45 6.12
C PRO A 86 -13.44 6.11 5.98
N TRP A 87 -13.79 5.51 7.10
CA TRP A 87 -14.58 4.32 7.06
C TRP A 87 -16.08 4.72 7.11
N THR A 88 -16.44 5.88 7.65
CA THR A 88 -17.81 6.36 7.56
C THR A 88 -17.83 7.89 7.78
N PRO A 89 -18.78 8.57 7.13
CA PRO A 89 -19.12 9.92 7.53
C PRO A 89 -19.70 9.88 8.91
N PRO A 90 -19.82 11.06 9.55
CA PRO A 90 -20.54 11.10 10.86
C PRO A 90 -21.97 10.56 10.68
N ALA A 91 -22.53 10.05 11.78
CA ALA A 91 -23.85 9.38 11.77
C ALA A 91 -24.94 10.33 11.24
N SER A 92 -24.75 11.63 11.46
CA SER A 92 -25.73 12.63 11.02
C SER A 92 -25.90 12.67 9.50
N MET A 93 -24.89 12.15 8.78
CA MET A 93 -24.94 12.09 7.31
C MET A 93 -25.31 10.76 6.74
N LYS A 94 -25.60 9.79 7.59
CA LYS A 94 -25.83 8.41 7.14
C LYS A 94 -27.32 8.09 7.08
N THR A 95 -27.72 7.30 6.10
CA THR A 95 -29.13 6.94 5.95
C THR A 95 -29.60 6.05 7.06
N ASN A 96 -28.72 5.35 7.73
CA ASN A 96 -29.04 4.50 8.87
C ASN A 96 -28.85 5.19 10.23
N ASN A 97 -28.51 6.47 10.24
CA ASN A 97 -28.35 7.23 11.49
CA ASN A 97 -28.29 7.28 11.47
C ASN A 97 -27.30 6.67 12.47
N THR A 98 -26.28 5.96 11.95
CA THR A 98 -25.26 5.38 12.77
C THR A 98 -23.94 5.39 12.02
N THR A 99 -22.88 5.13 12.74
CA THR A 99 -21.55 5.05 12.09
C THR A 99 -21.31 3.66 11.46
N THR A 100 -22.14 2.68 11.81
CA THR A 100 -21.90 1.33 11.29
C THR A 100 -22.50 1.15 9.92
N GLY A 101 -22.31 -0.04 9.38
CA GLY A 101 -22.87 -0.43 8.09
C GLY A 101 -24.24 -1.08 8.25
N ALA A 102 -24.86 -0.89 9.42
CA ALA A 102 -26.19 -1.52 9.58
C ALA A 102 -27.15 -1.21 8.43
N ASN A 103 -27.86 -2.24 7.99
CA ASN A 103 -28.86 -2.16 6.89
CA ASN A 103 -28.88 -2.05 6.94
C ASN A 103 -28.28 -1.46 5.64
N LYS A 104 -27.03 -1.78 5.32
CA LYS A 104 -26.36 -1.24 4.14
CA LYS A 104 -26.35 -1.25 4.15
C LYS A 104 -26.44 0.27 4.09
N GLY A 105 -26.33 0.91 5.25
CA GLY A 105 -26.32 2.36 5.33
C GLY A 105 -25.36 3.06 4.38
N SER A 106 -25.80 4.19 3.83
CA SER A 106 -25.06 4.96 2.87
C SER A 106 -25.07 6.43 3.23
N LEU A 107 -24.34 7.21 2.45
CA LEU A 107 -24.28 8.63 2.61
C LEU A 107 -25.52 9.26 2.02
N LYS A 108 -26.23 10.01 2.85
CA LYS A 108 -27.47 10.65 2.35
C LYS A 108 -27.14 11.57 1.20
N PRO A 109 -27.84 11.41 0.06
CA PRO A 109 -27.49 12.41 -1.01
C PRO A 109 -27.70 13.85 -0.59
N SER A 110 -28.61 14.10 0.33
CA SER A 110 -28.70 15.44 0.88
C SER A 110 -27.53 15.91 1.78
N SER A 111 -26.56 15.04 2.07
CA SER A 111 -25.35 15.44 2.83
C SER A 111 -24.14 15.41 1.95
N TYR A 112 -24.31 15.35 0.62
CA TYR A 112 -23.10 15.24 -0.28
C TYR A 112 -22.20 16.45 -0.08
N ALA A 113 -22.77 17.65 -0.08
CA ALA A 113 -21.96 18.87 0.01
C ALA A 113 -21.27 18.87 1.42
N ALA A 114 -22.01 18.53 2.45
CA ALA A 114 -21.42 18.47 3.80
C ALA A 114 -20.29 17.45 3.94
N TYR A 115 -20.41 16.30 3.29
CA TYR A 115 -19.33 15.30 3.32
C TYR A 115 -18.10 15.83 2.64
N ALA A 116 -18.28 16.49 1.52
CA ALA A 116 -17.15 17.16 0.87
C ALA A 116 -16.47 18.18 1.77
N ALA A 117 -17.28 19.00 2.42
CA ALA A 117 -16.77 19.96 3.40
C ALA A 117 -16.06 19.25 4.57
N TYR A 118 -16.61 18.14 4.99
CA TYR A 118 -16.05 17.34 6.07
C TYR A 118 -14.65 16.85 5.74
N LEU A 119 -14.51 16.26 4.56
CA LEU A 119 -13.22 15.75 4.15
C LEU A 119 -12.19 16.90 4.01
N LYS A 120 -12.64 18.01 3.45
CA LYS A 120 -11.74 19.17 3.32
CA LYS A 120 -11.74 19.16 3.31
C LYS A 120 -11.30 19.69 4.70
N THR A 121 -12.20 19.59 5.70
CA THR A 121 -11.88 20.00 7.07
C THR A 121 -10.76 19.09 7.67
N PHE A 122 -10.84 17.81 7.41
CA PHE A 122 -9.78 16.88 7.84
C PHE A 122 -8.49 17.20 7.13
N VAL A 123 -8.53 17.39 5.81
CA VAL A 123 -7.28 17.73 5.08
C VAL A 123 -6.65 19.02 5.66
N LYS A 124 -7.45 20.02 5.90
CA LYS A 124 -6.91 21.30 6.42
C LYS A 124 -6.40 21.17 7.87
N TYR A 125 -7.12 20.45 8.69
CA TYR A 125 -6.63 20.08 10.04
C TYR A 125 -5.20 19.52 10.01
N MET A 126 -4.97 18.55 9.13
CA MET A 126 -3.73 17.84 9.10
C MET A 126 -2.61 18.78 8.66
N SER A 127 -2.86 19.52 7.60
CA SER A 127 -1.97 20.58 7.11
C SER A 127 -1.65 21.69 8.16
N ASP A 128 -2.67 22.24 8.80
CA ASP A 128 -2.56 23.30 9.76
C ASP A 128 -1.72 22.87 10.96
N ASN A 129 -1.68 21.58 11.27
CA ASN A 129 -0.92 21.03 12.38
C ASN A 129 0.41 20.33 12.01
N GLY A 130 0.89 20.62 10.81
CA GLY A 130 2.19 20.21 10.39
C GLY A 130 2.34 18.79 9.93
N ALA A 131 1.26 18.14 9.50
CA ALA A 131 1.39 16.80 8.91
C ALA A 131 0.48 16.73 7.66
N PRO A 132 0.81 17.52 6.61
CA PRO A 132 -0.04 17.53 5.44
C PRO A 132 -0.08 16.13 4.79
N LEU A 133 -1.26 15.82 4.27
CA LEU A 133 -1.52 14.54 3.65
C LEU A 133 -1.04 14.59 2.22
N TYR A 134 -0.64 13.44 1.71
CA TYR A 134 -0.36 13.21 0.31
C TYR A 134 -1.60 12.91 -0.54
N ALA A 135 -2.56 12.20 0.02
CA ALA A 135 -3.79 11.89 -0.66
C ALA A 135 -4.87 11.57 0.33
N LEU A 136 -6.08 11.48 -0.19
CA LEU A 136 -7.31 11.27 0.60
C LEU A 136 -8.24 10.33 -0.13
N SER A 137 -8.79 9.35 0.57
CA SER A 137 -9.73 8.38 -0.07
C SER A 137 -11.14 8.79 0.21
N LEU A 138 -12.08 8.47 -0.68
CA LEU A 138 -13.48 8.78 -0.39
C LEU A 138 -14.19 7.82 0.60
N GLN A 139 -13.68 6.59 0.76
CA GLN A 139 -14.42 5.57 1.48
C GLN A 139 -13.62 4.30 1.56
N ASN A 140 -13.62 3.67 2.75
CA ASN A 140 -13.21 2.27 2.86
C ASN A 140 -14.26 1.27 2.41
N GLU A 141 -13.94 0.34 1.52
CA GLU A 141 -14.79 -0.86 1.22
C GLU A 141 -16.29 -0.45 1.08
N PRO A 142 -16.56 0.38 0.05
CA PRO A 142 -17.92 0.80 -0.22
C PRO A 142 -18.82 -0.37 -0.53
N ASP A 143 -18.26 -1.52 -0.87
CA ASP A 143 -19.01 -2.76 -1.12
C ASP A 143 -19.06 -3.76 0.08
N TRP A 144 -18.91 -3.25 1.29
CA TRP A 144 -19.02 -4.07 2.52
C TRP A 144 -19.69 -3.25 3.60
N ALA A 145 -20.54 -3.88 4.38
CA ALA A 145 -21.39 -3.17 5.30
C ALA A 145 -21.41 -3.87 6.71
N PRO A 146 -20.25 -3.92 7.38
CA PRO A 146 -20.11 -4.62 8.63
C PRO A 146 -20.61 -3.83 9.83
N ASP A 147 -20.47 -4.41 11.04
CA ASP A 147 -20.97 -3.63 12.21
CA ASP A 147 -20.90 -3.86 12.31
CA ASP A 147 -20.92 -3.83 12.30
C ASP A 147 -19.88 -2.91 12.97
N TYR A 148 -18.99 -2.29 12.20
CA TYR A 148 -18.04 -1.29 12.72
C TYR A 148 -18.15 -0.15 11.64
N ASP A 149 -17.32 0.88 11.74
CA ASP A 149 -17.41 2.01 10.82
C ASP A 149 -17.55 1.54 9.36
N ALA A 150 -18.56 2.00 8.67
CA ALA A 150 -18.81 1.54 7.32
C ALA A 150 -19.81 2.45 6.66
N CYS A 151 -19.80 2.37 5.33
CA CYS A 151 -20.70 3.22 4.55
C CYS A 151 -20.73 2.73 3.11
N THR A 152 -21.90 2.28 2.65
CA THR A 152 -22.01 1.75 1.31
C THR A 152 -22.06 2.84 0.25
N TRP A 153 -21.42 2.56 -0.86
CA TRP A 153 -21.56 3.38 -2.08
C TRP A 153 -21.61 2.43 -3.25
N THR A 154 -22.49 2.70 -4.21
CA THR A 154 -22.51 2.03 -5.45
C THR A 154 -21.58 2.74 -6.41
N ALA A 155 -21.26 2.08 -7.51
CA ALA A 155 -20.36 2.69 -8.52
C ALA A 155 -21.02 3.97 -9.07
N GLN A 156 -22.35 3.96 -9.14
CA GLN A 156 -22.99 5.16 -9.67
CA GLN A 156 -23.12 5.14 -9.63
C GLN A 156 -23.01 6.28 -8.65
N GLN A 157 -23.10 5.98 -7.37
CA GLN A 157 -23.00 7.02 -6.33
C GLN A 157 -21.66 7.69 -6.37
N PHE A 158 -20.58 6.95 -6.55
CA PHE A 158 -19.26 7.62 -6.63
C PHE A 158 -19.22 8.59 -7.82
N HIS A 159 -19.83 8.17 -8.94
CA HIS A 159 -19.92 9.01 -10.14
C HIS A 159 -20.73 10.29 -9.86
N ASP A 160 -21.92 10.17 -9.29
N ASP A 160 -21.97 10.11 -9.34
CA ASP A 160 -22.76 11.33 -9.04
CA ASP A 160 -22.93 11.15 -8.83
C ASP A 160 -22.23 12.21 -7.90
C ASP A 160 -22.14 12.18 -7.99
N PHE A 161 -21.40 11.67 -6.99
CA PHE A 161 -20.67 12.52 -6.05
C PHE A 161 -19.55 13.27 -6.72
N LEU A 162 -18.71 12.54 -7.41
CA LEU A 162 -17.59 13.16 -8.09
C LEU A 162 -17.94 14.19 -9.17
N LYS A 163 -19.01 13.99 -9.94
CA LYS A 163 -19.34 15.01 -10.95
C LYS A 163 -19.69 16.38 -10.33
N GLN A 164 -20.12 16.40 -9.08
N GLN A 164 -20.13 16.37 -9.06
CA GLN A 164 -20.46 17.64 -8.39
CA GLN A 164 -20.51 17.57 -8.31
C GLN A 164 -19.48 18.14 -7.36
C GLN A 164 -19.42 18.12 -7.46
N TYR A 165 -18.75 17.24 -6.71
CA TYR A 165 -17.80 17.61 -5.63
C TYR A 165 -16.34 17.25 -5.84
N GLY A 166 -16.08 16.54 -6.92
CA GLY A 166 -14.72 16.17 -7.27
C GLY A 166 -13.76 17.31 -7.63
N ALA A 167 -14.30 18.37 -8.26
CA ALA A 167 -13.53 19.53 -8.60
C ALA A 167 -13.02 20.22 -7.31
N SER A 168 -13.94 20.45 -6.42
CA SER A 168 -13.63 21.06 -5.13
C SER A 168 -12.62 20.21 -4.36
N LEU A 169 -12.92 18.93 -4.21
CA LEU A 169 -12.05 17.98 -3.46
CA LEU A 169 -12.06 18.04 -3.42
C LEU A 169 -10.68 17.80 -4.07
N SER A 170 -10.61 17.57 -5.38
CA SER A 170 -9.31 17.39 -6.05
C SER A 170 -8.44 18.68 -6.13
N SER A 171 -9.06 19.87 -6.08
CA SER A 171 -8.29 21.11 -6.01
CA SER A 171 -8.36 21.17 -5.96
C SER A 171 -7.57 21.20 -4.67
N THR A 172 -8.02 20.44 -3.70
CA THR A 172 -7.45 20.41 -2.39
C THR A 172 -6.41 19.34 -2.18
N ILE A 173 -6.57 18.17 -2.77
CA ILE A 173 -5.76 17.00 -2.47
C ILE A 173 -5.97 15.93 -3.54
N LYS A 174 -4.92 15.14 -3.76
CA LYS A 174 -5.02 13.94 -4.60
CA LYS A 174 -5.04 13.97 -4.61
C LYS A 174 -6.11 13.03 -4.05
N ILE A 175 -6.95 12.50 -4.93
CA ILE A 175 -8.07 11.65 -4.49
CA ILE A 175 -8.10 11.65 -4.53
C ILE A 175 -7.81 10.18 -4.83
N ILE A 176 -8.06 9.30 -3.84
CA ILE A 176 -8.02 7.83 -4.00
C ILE A 176 -9.47 7.35 -4.02
N MET A 177 -9.80 6.49 -4.98
CA MET A 177 -11.05 5.72 -4.89
C MET A 177 -10.90 4.45 -5.64
N PRO A 178 -11.73 3.42 -5.44
CA PRO A 178 -12.80 3.36 -4.50
C PRO A 178 -12.54 2.44 -3.33
N GLU A 179 -11.33 1.91 -3.22
CA GLU A 179 -11.02 0.95 -2.14
C GLU A 179 -12.02 -0.18 -1.97
N SER A 180 -12.33 -0.84 -3.08
N SER A 180 -12.39 -0.82 -3.06
CA SER A 180 -13.21 -2.03 -3.06
CA SER A 180 -13.35 -1.93 -2.96
C SER A 180 -12.61 -3.17 -2.21
C SER A 180 -12.69 -3.16 -2.31
N LEU A 181 -13.49 -3.91 -1.59
CA LEU A 181 -13.16 -5.16 -0.85
C LEU A 181 -12.19 -6.09 -1.56
N GLY A 182 -12.50 -6.34 -2.82
CA GLY A 182 -11.69 -7.21 -3.65
C GLY A 182 -11.08 -6.60 -4.91
N PHE A 183 -10.95 -5.29 -4.91
CA PHE A 183 -10.37 -4.58 -6.03
C PHE A 183 -11.25 -4.74 -7.30
N ASN A 184 -12.56 -4.73 -7.10
CA ASN A 184 -13.53 -4.90 -8.20
CA ASN A 184 -13.49 -4.90 -8.21
C ASN A 184 -13.42 -3.68 -9.13
N PRO A 185 -12.94 -3.87 -10.37
CA PRO A 185 -12.91 -2.72 -11.28
C PRO A 185 -14.27 -2.11 -11.60
N ALA A 186 -15.37 -2.89 -11.50
CA ALA A 186 -16.68 -2.31 -11.74
C ALA A 186 -17.02 -1.16 -10.80
N MET A 187 -16.43 -1.15 -9.59
CA MET A 187 -16.69 -0.10 -8.64
CA MET A 187 -16.70 -0.09 -8.64
C MET A 187 -16.21 1.27 -9.12
N SER A 188 -15.14 1.27 -9.89
CA SER A 188 -14.53 2.51 -10.44
C SER A 188 -14.69 2.75 -11.94
N ASP A 189 -15.05 1.72 -12.69
CA ASP A 189 -15.21 1.88 -14.14
C ASP A 189 -16.11 3.07 -14.58
N PRO A 190 -17.27 3.27 -13.96
CA PRO A 190 -18.09 4.40 -14.36
C PRO A 190 -17.40 5.73 -14.17
N THR A 191 -16.68 5.89 -13.06
CA THR A 191 -15.91 7.07 -12.79
C THR A 191 -14.77 7.25 -13.80
N LEU A 192 -14.10 6.15 -14.13
CA LEU A 192 -12.94 6.22 -15.06
C LEU A 192 -13.34 6.44 -16.51
N ASN A 193 -14.46 5.85 -16.91
CA ASN A 193 -14.91 5.97 -18.26
C ASN A 193 -15.59 7.30 -18.64
N ASP A 194 -15.99 8.10 -17.69
CA ASP A 194 -16.53 9.47 -17.93
C ASP A 194 -15.40 10.48 -17.68
N PRO A 195 -14.94 11.19 -18.73
CA PRO A 195 -13.83 12.06 -18.53
C PRO A 195 -14.09 13.16 -17.51
N THR A 196 -15.37 13.54 -17.34
CA THR A 196 -15.73 14.56 -16.36
C THR A 196 -15.36 14.12 -14.91
N THR A 197 -15.55 12.84 -14.63
CA THR A 197 -15.24 12.32 -13.28
C THR A 197 -13.82 11.76 -13.18
N ALA A 198 -13.33 11.12 -14.23
CA ALA A 198 -11.99 10.54 -14.18
C ALA A 198 -10.91 11.52 -13.82
N GLN A 199 -11.07 12.77 -14.27
CA GLN A 199 -10.07 13.78 -14.09
C GLN A 199 -9.84 14.15 -12.64
N TYR A 200 -10.81 13.92 -11.78
CA TYR A 200 -10.68 14.23 -10.36
C TYR A 200 -9.98 13.15 -9.54
N VAL A 201 -9.79 12.00 -10.15
CA VAL A 201 -9.18 10.89 -9.43
C VAL A 201 -7.70 10.82 -9.73
N SER A 202 -6.85 10.65 -8.70
CA SER A 202 -5.40 10.49 -8.95
C SER A 202 -4.93 9.06 -8.81
N ILE A 203 -5.45 8.37 -7.82
CA ILE A 203 -5.01 7.04 -7.46
C ILE A 203 -6.25 6.11 -7.40
N ILE A 204 -6.17 4.96 -8.05
CA ILE A 204 -7.17 3.93 -7.94
C ILE A 204 -6.67 2.95 -6.85
N GLY A 205 -7.41 2.88 -5.76
CA GLY A 205 -7.03 2.04 -4.60
C GLY A 205 -7.98 0.88 -4.48
N GLY A 206 -7.45 -0.24 -4.02
CA GLY A 206 -8.25 -1.42 -3.76
C GLY A 206 -7.59 -2.41 -2.81
N HIS A 207 -8.44 -3.31 -2.29
CA HIS A 207 -8.06 -4.31 -1.30
CA HIS A 207 -8.04 -4.31 -1.31
C HIS A 207 -8.08 -5.70 -1.93
N LEU A 208 -7.53 -6.69 -1.24
CA LEU A 208 -7.42 -8.02 -1.79
C LEU A 208 -8.18 -9.09 -1.04
N TYR A 209 -9.39 -8.77 -0.58
CA TYR A 209 -10.19 -9.78 0.09
C TYR A 209 -11.07 -10.51 -0.91
N GLY A 210 -10.76 -11.79 -1.13
CA GLY A 210 -11.61 -12.72 -1.82
C GLY A 210 -11.32 -12.97 -3.29
N SER A 211 -10.65 -12.01 -3.97
CA SER A 211 -10.50 -12.03 -5.43
C SER A 211 -9.01 -12.08 -5.76
N PRO A 212 -8.62 -12.83 -6.79
CA PRO A 212 -7.23 -12.78 -7.21
C PRO A 212 -6.73 -11.43 -7.68
N ILE A 213 -5.42 -11.28 -7.63
CA ILE A 213 -4.77 -10.07 -8.07
C ILE A 213 -4.86 -10.04 -9.58
N ARG A 214 -5.06 -8.83 -10.13
CA ARG A 214 -5.30 -8.63 -11.52
C ARG A 214 -4.72 -7.29 -11.91
N ASP A 215 -4.40 -7.19 -13.21
CA ASP A 215 -4.05 -5.90 -13.82
C ASP A 215 -5.36 -5.06 -13.94
N TYR A 216 -5.15 -3.76 -14.06
CA TYR A 216 -6.29 -2.83 -14.29
C TYR A 216 -5.91 -1.87 -15.41
N PRO A 217 -6.04 -2.34 -16.68
CA PRO A 217 -5.57 -1.52 -17.83
C PRO A 217 -6.24 -0.17 -17.93
N LEU A 218 -7.53 -0.09 -17.71
CA LEU A 218 -8.22 1.22 -17.78
C LEU A 218 -7.62 2.26 -16.86
N ALA A 219 -7.28 1.87 -15.65
CA ALA A 219 -6.70 2.79 -14.72
C ALA A 219 -5.34 3.29 -15.15
N ARG A 220 -4.48 2.38 -15.55
CA ARG A 220 -3.14 2.74 -16.03
CA ARG A 220 -3.14 2.70 -16.06
C ARG A 220 -3.23 3.58 -17.31
N ASN A 221 -4.08 3.21 -18.22
CA ASN A 221 -4.23 3.96 -19.48
C ASN A 221 -4.87 5.35 -19.28
N LYS A 222 -5.54 5.62 -18.16
CA LYS A 222 -6.05 6.96 -17.86
C LYS A 222 -5.01 7.76 -17.04
N GLY A 223 -3.84 7.21 -16.86
CA GLY A 223 -2.80 7.88 -16.10
C GLY A 223 -2.85 7.73 -14.57
N LYS A 224 -3.63 6.80 -14.05
CA LYS A 224 -3.84 6.73 -12.60
C LYS A 224 -2.82 5.82 -11.97
N ASP A 225 -2.32 6.15 -10.77
CA ASP A 225 -1.67 5.16 -9.91
C ASP A 225 -2.67 4.09 -9.48
N ILE A 226 -2.16 2.89 -9.22
CA ILE A 226 -2.94 1.75 -8.72
C ILE A 226 -2.25 1.34 -7.42
N TRP A 227 -3.00 1.44 -6.31
CA TRP A 227 -2.44 1.15 -5.00
C TRP A 227 -3.23 0.06 -4.33
N MET A 228 -2.57 -0.91 -3.74
CA MET A 228 -3.21 -1.90 -2.88
C MET A 228 -3.17 -1.30 -1.49
N THR A 229 -4.32 -0.81 -1.04
CA THR A 229 -4.40 0.01 0.13
C THR A 229 -4.74 -0.69 1.45
N GLU A 230 -5.11 -1.98 1.42
CA GLU A 230 -5.33 -2.77 2.60
C GLU A 230 -5.38 -4.27 2.31
N HIS A 231 -4.55 -5.05 3.02
CA HIS A 231 -4.73 -6.48 3.13
C HIS A 231 -3.90 -6.96 4.33
N TYR A 232 -4.25 -8.12 4.82
CA TYR A 232 -3.43 -8.81 5.88
C TYR A 232 -3.49 -10.31 5.63
N LEU A 233 -2.57 -10.99 6.26
CA LEU A 233 -2.56 -12.41 6.37
C LEU A 233 -2.40 -12.83 7.82
N GLU A 234 -2.87 -14.05 8.15
CA GLU A 234 -2.79 -14.60 9.54
C GLU A 234 -1.57 -15.49 9.66
N GLY A 235 -0.72 -15.24 10.63
CA GLY A 235 0.49 -16.06 10.83
C GLY A 235 1.79 -15.31 10.60
N ASN A 236 2.85 -15.82 11.21
CA ASN A 236 4.21 -15.33 11.03
C ASN A 236 5.27 -16.38 10.85
N ASP A 237 4.82 -17.55 10.54
CA ASP A 237 5.68 -18.66 10.16
C ASP A 237 6.30 -18.37 8.82
N PRO A 238 7.37 -19.08 8.49
CA PRO A 238 8.01 -18.81 7.19
C PRO A 238 7.10 -18.99 5.97
N GLY A 239 6.20 -19.96 6.01
CA GLY A 239 5.32 -20.15 4.92
C GLY A 239 4.40 -18.96 4.71
N THR A 240 3.89 -18.37 5.79
CA THR A 240 3.05 -17.22 5.67
C THR A 240 3.86 -16.03 5.21
N CYS A 241 5.08 -15.87 5.71
CA CYS A 241 5.90 -14.78 5.31
C CYS A 241 6.21 -14.79 3.79
N VAL A 242 6.59 -15.98 3.23
CA VAL A 242 6.77 -16.07 1.79
C VAL A 242 5.47 -15.94 1.03
N LYS A 243 4.33 -16.34 1.61
CA LYS A 243 3.04 -16.03 0.96
C LYS A 243 2.86 -14.51 0.80
N LEU A 244 3.15 -13.74 1.85
CA LEU A 244 3.04 -12.28 1.81
C LEU A 244 3.98 -11.73 0.75
N ALA A 245 5.22 -12.28 0.71
CA ALA A 245 6.18 -11.82 -0.25
C ALA A 245 5.68 -12.02 -1.68
N LYS A 246 5.08 -13.18 -1.93
CA LYS A 246 4.56 -13.50 -3.23
C LYS A 246 3.35 -12.58 -3.53
N GLU A 247 2.55 -12.27 -2.53
CA GLU A 247 1.45 -11.32 -2.76
C GLU A 247 1.96 -9.92 -3.20
N ILE A 248 3.03 -9.40 -2.54
CA ILE A 248 3.61 -8.13 -2.90
C ILE A 248 4.15 -8.26 -4.32
N HIS A 249 4.89 -9.33 -4.58
CA HIS A 249 5.47 -9.58 -5.88
C HIS A 249 4.39 -9.60 -6.98
N ASP A 250 3.30 -10.28 -6.69
CA ASP A 250 2.18 -10.34 -7.65
C ASP A 250 1.54 -8.97 -7.88
N CYS A 251 1.40 -8.17 -6.82
CA CYS A 251 0.91 -6.81 -6.99
C CYS A 251 1.84 -6.00 -7.86
N MET A 252 3.15 -6.17 -7.68
CA MET A 252 4.10 -5.45 -8.48
C MET A 252 4.12 -5.87 -9.92
N THR A 253 4.01 -7.17 -10.11
CA THR A 253 4.21 -7.78 -11.42
C THR A 253 2.88 -7.99 -12.22
N ILE A 254 1.94 -8.73 -11.73
CA ILE A 254 0.62 -8.89 -12.38
C ILE A 254 -0.18 -7.60 -12.30
N GLY A 255 -0.23 -6.98 -11.12
CA GLY A 255 -1.08 -5.79 -10.90
C GLY A 255 -0.45 -4.49 -11.38
N ASN A 256 0.84 -4.48 -11.69
CA ASN A 256 1.53 -3.24 -12.05
C ASN A 256 1.32 -2.08 -11.04
N MET A 257 1.21 -2.44 -9.78
CA MET A 257 0.79 -1.46 -8.78
C MET A 257 1.98 -0.60 -8.33
N ASN A 258 1.68 0.63 -8.02
CA ASN A 258 2.70 1.57 -7.60
C ASN A 258 2.98 1.52 -6.11
N ALA A 259 2.04 0.91 -5.37
CA ALA A 259 2.24 0.90 -3.91
C ALA A 259 1.47 -0.24 -3.30
N TYR A 260 2.01 -0.73 -2.19
CA TYR A 260 1.40 -1.84 -1.40
C TYR A 260 1.33 -1.42 0.08
N VAL A 261 0.12 -1.46 0.66
CA VAL A 261 -0.14 -0.98 1.99
C VAL A 261 -0.80 -2.09 2.82
N TYR A 262 -0.04 -2.64 3.78
CA TYR A 262 -0.57 -3.62 4.72
C TYR A 262 -1.67 -3.00 5.55
N TRP A 263 -2.49 -3.84 6.16
CA TRP A 263 -3.49 -3.40 7.18
C TRP A 263 -2.77 -2.94 8.48
N TRP A 264 -3.41 -3.08 9.63
CA TRP A 264 -3.00 -2.27 10.77
C TRP A 264 -1.72 -2.72 11.44
N ILE A 265 -1.06 -1.75 11.97
CA ILE A 265 0.27 -1.95 12.59
C ILE A 265 0.15 -2.79 13.83
N SER A 266 -0.81 -2.46 14.71
CA SER A 266 -0.82 -3.04 16.05
C SER A 266 -2.23 -3.45 16.59
N GLY A 267 -3.30 -3.38 15.77
CA GLY A 267 -4.67 -3.52 16.30
C GLY A 267 -4.99 -4.88 16.89
N ASP A 268 -4.33 -5.92 16.42
CA ASP A 268 -4.48 -7.26 16.92
C ASP A 268 -3.21 -8.00 16.44
N GLN A 269 -3.26 -9.30 16.69
CA GLN A 269 -2.18 -10.22 16.46
CA GLN A 269 -2.10 -10.16 16.45
C GLN A 269 -1.79 -10.40 14.96
N ASN A 270 -2.67 -9.99 14.04
CA ASN A 270 -2.36 -10.06 12.63
C ASN A 270 -1.60 -8.83 12.09
N GLY A 271 -1.20 -7.89 12.95
CA GLY A 271 -0.46 -6.76 12.49
C GLY A 271 1.02 -6.98 12.33
N LEU A 272 1.77 -5.86 12.33
CA LEU A 272 3.24 -5.84 12.09
C LEU A 272 4.06 -5.64 13.37
N TYR A 273 3.44 -5.10 14.40
CA TYR A 273 4.16 -4.79 15.65
C TYR A 273 3.26 -5.06 16.80
N ASN A 274 3.77 -5.71 17.81
CA ASN A 274 2.96 -5.96 19.02
C ASN A 274 3.32 -4.93 20.08
N THR A 275 2.44 -3.95 20.29
CA THR A 275 2.71 -2.89 21.24
C THR A 275 2.63 -3.33 22.73
N ARG A 276 2.02 -4.48 22.99
CA ARG A 276 1.96 -5.04 24.32
C ARG A 276 3.30 -5.65 24.72
N THR A 277 4.02 -6.31 23.80
CA THR A 277 5.33 -6.90 24.11
C THR A 277 6.51 -6.16 23.51
N ASN A 278 6.20 -5.14 22.72
CA ASN A 278 7.20 -4.40 21.99
C ASN A 278 8.00 -5.26 21.07
N GLU A 279 7.34 -6.17 20.41
CA GLU A 279 8.01 -7.11 19.49
C GLU A 279 7.54 -6.92 18.07
N THR A 280 8.45 -7.16 17.14
CA THR A 280 8.16 -7.03 15.70
C THR A 280 7.72 -8.37 15.14
N TYR A 281 6.59 -8.39 14.47
CA TYR A 281 6.15 -9.60 13.78
C TYR A 281 6.95 -9.80 12.50
N LYS A 282 7.26 -11.06 12.18
CA LYS A 282 8.21 -11.32 11.10
CA LYS A 282 8.19 -11.35 11.08
C LYS A 282 7.69 -10.87 9.70
N LYS A 283 6.37 -10.73 9.51
CA LYS A 283 5.88 -10.11 8.28
C LYS A 283 6.47 -8.74 7.99
N THR A 284 6.84 -8.00 9.02
CA THR A 284 7.51 -6.75 8.86
C THR A 284 8.75 -6.81 7.98
N TYR A 285 9.53 -7.84 8.18
CA TYR A 285 10.79 -7.97 7.46
C TYR A 285 10.55 -8.33 5.98
N VAL A 286 9.44 -9.05 5.68
CA VAL A 286 9.07 -9.30 4.28
C VAL A 286 8.88 -7.96 3.59
N MET A 287 8.16 -7.07 4.23
CA MET A 287 7.88 -5.79 3.64
C MET A 287 9.16 -4.99 3.48
N GLY A 288 10.02 -5.05 4.50
CA GLY A 288 11.29 -4.39 4.42
C GLY A 288 12.20 -4.84 3.27
N GLN A 289 12.15 -6.11 2.90
CA GLN A 289 12.97 -6.60 1.76
C GLN A 289 12.63 -5.86 0.43
N PHE A 290 11.40 -5.32 0.32
CA PHE A 290 11.05 -4.43 -0.75
C PHE A 290 11.41 -2.97 -0.40
N SER A 291 10.84 -2.47 0.73
CA SER A 291 10.75 -1.07 0.98
C SER A 291 12.09 -0.45 1.30
N LYS A 292 12.90 -1.15 2.07
CA LYS A 292 14.20 -0.57 2.49
C LYS A 292 15.11 -0.38 1.31
N PHE A 293 14.98 -1.22 0.30
CA PHE A 293 15.95 -1.22 -0.81
C PHE A 293 15.50 -0.52 -2.10
N ILE A 294 14.20 -0.42 -2.33
CA ILE A 294 13.68 0.18 -3.51
C ILE A 294 13.46 1.62 -3.14
N GLY A 295 14.22 2.49 -3.81
CA GLY A 295 14.27 3.89 -3.46
C GLY A 295 13.24 4.80 -4.10
N ASN A 296 13.48 6.10 -3.93
CA ASN A 296 12.65 7.19 -4.46
C ASN A 296 12.67 7.23 -5.95
N GLY A 297 11.48 7.08 -6.50
CA GLY A 297 11.33 7.18 -7.95
C GLY A 297 11.83 6.00 -8.73
N TYR A 298 12.02 4.85 -8.09
CA TYR A 298 12.50 3.73 -8.82
C TYR A 298 11.39 3.21 -9.74
N SER A 299 11.81 2.64 -10.86
CA SER A 299 10.91 1.97 -11.78
C SER A 299 11.11 0.46 -11.69
N ARG A 300 10.04 -0.28 -11.76
CA ARG A 300 10.14 -1.71 -11.99
C ARG A 300 10.59 -1.96 -13.42
N VAL A 301 11.31 -3.04 -13.58
CA VAL A 301 11.81 -3.43 -14.90
C VAL A 301 11.55 -4.91 -15.11
N ASP A 302 11.78 -5.37 -16.33
CA ASP A 302 11.57 -6.75 -16.72
C ASP A 302 12.50 -7.69 -15.95
N ALA A 303 11.91 -8.78 -15.47
CA ALA A 303 12.65 -9.89 -14.87
C ALA A 303 11.83 -11.17 -15.02
N THR A 304 12.52 -12.28 -15.20
CA THR A 304 11.86 -13.56 -15.32
C THR A 304 11.02 -13.79 -14.09
N ASN A 305 9.71 -13.92 -14.26
CA ASN A 305 8.80 -13.88 -13.06
C ASN A 305 9.02 -15.05 -12.20
N SER A 306 9.14 -16.22 -12.79
CA SER A 306 9.44 -17.42 -12.03
C SER A 306 10.44 -18.30 -12.71
N PRO A 307 11.74 -18.19 -12.33
CA PRO A 307 12.71 -18.88 -13.17
C PRO A 307 12.83 -20.36 -12.92
N GLN A 308 12.35 -20.84 -11.78
CA GLN A 308 12.33 -22.23 -11.46
C GLN A 308 11.19 -22.39 -10.45
N SER A 309 10.80 -23.61 -10.14
CA SER A 309 9.56 -23.75 -9.43
C SER A 309 9.71 -23.23 -8.00
N ASN A 310 8.68 -22.52 -7.59
CA ASN A 310 8.64 -21.90 -6.27
C ASN A 310 9.62 -20.76 -6.04
N VAL A 311 10.24 -20.27 -7.10
CA VAL A 311 11.05 -19.07 -7.05
C VAL A 311 10.40 -17.99 -7.86
N TYR A 312 10.35 -16.79 -7.28
CA TYR A 312 9.71 -15.60 -7.89
C TYR A 312 10.64 -14.44 -7.83
N VAL A 313 10.77 -13.73 -8.97
CA VAL A 313 11.71 -12.62 -9.08
C VAL A 313 11.10 -11.36 -9.69
N SER A 314 11.41 -10.23 -9.09
CA SER A 314 11.07 -8.89 -9.64
C SER A 314 12.30 -8.04 -9.47
N ALA A 315 12.34 -6.91 -10.19
CA ALA A 315 13.50 -6.01 -10.22
C ALA A 315 13.09 -4.61 -10.51
N TYR A 316 13.95 -3.69 -10.07
CA TYR A 316 13.69 -2.25 -9.96
C TYR A 316 14.95 -1.53 -10.21
N THR A 317 14.86 -0.38 -10.85
CA THR A 317 16.03 0.51 -11.01
C THR A 317 15.77 1.92 -10.69
N GLY A 318 16.83 2.58 -10.23
CA GLY A 318 16.86 4.02 -10.02
C GLY A 318 18.16 4.45 -9.38
N ASN A 319 18.54 5.71 -9.59
CA ASN A 319 19.70 6.33 -8.94
CA ASN A 319 19.68 6.31 -8.88
C ASN A 319 20.94 5.47 -9.13
N ASN A 320 21.07 4.95 -10.32
CA ASN A 320 22.18 4.08 -10.72
C ASN A 320 22.31 2.83 -9.88
N LYS A 321 21.16 2.33 -9.40
CA LYS A 321 21.12 1.04 -8.74
C LYS A 321 20.19 0.08 -9.45
N VAL A 322 20.46 -1.21 -9.25
CA VAL A 322 19.52 -2.24 -9.60
C VAL A 322 19.24 -3.07 -8.32
N VAL A 323 17.96 -3.31 -8.08
CA VAL A 323 17.51 -4.04 -6.99
C VAL A 323 16.71 -5.24 -7.48
N ILE A 324 17.00 -6.43 -6.95
CA ILE A 324 16.37 -7.67 -7.33
C ILE A 324 15.86 -8.37 -6.10
N VAL A 325 14.54 -8.64 -6.09
CA VAL A 325 13.89 -9.31 -4.96
C VAL A 325 13.56 -10.72 -5.40
N ALA A 326 14.16 -11.73 -4.74
CA ALA A 326 14.03 -13.11 -5.16
C ALA A 326 13.43 -13.91 -4.00
N ILE A 327 12.26 -14.53 -4.24
CA ILE A 327 11.54 -15.23 -3.20
C ILE A 327 11.70 -16.71 -3.43
N ASN A 328 12.17 -17.46 -2.43
CA ASN A 328 12.13 -18.94 -2.48
C ASN A 328 11.04 -19.52 -1.60
N GLN A 329 9.89 -19.90 -2.19
CA GLN A 329 8.82 -20.55 -1.37
C GLN A 329 9.03 -22.02 -1.04
N GLY A 330 10.09 -22.62 -1.57
CA GLY A 330 10.40 -24.04 -1.34
C GLY A 330 10.92 -24.32 0.05
N THR A 331 10.80 -25.59 0.39
CA THR A 331 11.22 -26.01 1.71
CA THR A 331 11.20 -26.21 1.62
C THR A 331 12.72 -26.26 1.86
N TYR A 332 13.48 -26.26 0.79
CA TYR A 332 14.94 -26.43 0.82
CA TYR A 332 14.94 -26.38 0.86
C TYR A 332 15.59 -25.24 0.10
N PRO A 333 16.88 -24.96 0.41
CA PRO A 333 17.60 -24.01 -0.41
C PRO A 333 17.72 -24.40 -1.86
N VAL A 334 17.75 -23.42 -2.75
CA VAL A 334 18.07 -23.65 -4.15
C VAL A 334 19.06 -22.60 -4.66
N ASN A 335 19.83 -22.98 -5.67
CA ASN A 335 20.74 -22.03 -6.35
C ASN A 335 19.99 -21.41 -7.49
N GLN A 336 20.27 -20.15 -7.74
CA GLN A 336 19.60 -19.36 -8.75
C GLN A 336 20.63 -18.43 -9.43
N SER A 337 20.68 -18.49 -10.77
CA SER A 337 21.45 -17.56 -11.62
C SER A 337 20.69 -16.37 -12.05
N PHE A 338 21.38 -15.24 -12.12
CA PHE A 338 20.81 -14.00 -12.50
C PHE A 338 21.62 -13.44 -13.63
N ASN A 339 20.91 -12.86 -14.60
CA ASN A 339 21.55 -12.21 -15.70
C ASN A 339 20.96 -10.85 -15.97
N VAL A 340 21.69 -9.82 -15.62
CA VAL A 340 21.28 -8.44 -15.86
C VAL A 340 21.71 -7.98 -17.27
N GLN A 341 20.74 -7.62 -18.09
CA GLN A 341 20.92 -7.10 -19.46
CA GLN A 341 21.03 -7.09 -19.41
C GLN A 341 20.85 -5.58 -19.50
N ASN A 342 21.62 -4.98 -20.41
CA ASN A 342 21.57 -3.54 -20.73
C ASN A 342 22.01 -2.66 -19.65
N SER A 343 22.86 -3.21 -18.77
CA SER A 343 23.48 -2.46 -17.72
C SER A 343 24.74 -3.17 -17.34
N THR A 344 25.62 -2.39 -16.75
CA THR A 344 26.90 -2.93 -16.29
C THR A 344 26.81 -2.85 -14.75
N VAL A 345 26.78 -4.02 -14.10
CA VAL A 345 26.55 -4.11 -12.67
C VAL A 345 27.82 -4.41 -11.89
N SER A 346 27.93 -3.77 -10.74
CA SER A 346 29.05 -4.07 -9.83
C SER A 346 28.63 -3.94 -8.35
N ASN A 347 29.53 -4.35 -7.46
CA ASN A 347 29.29 -4.21 -6.04
CA ASN A 347 29.31 -4.22 -6.02
C ASN A 347 27.93 -4.79 -5.57
N VAL A 348 27.65 -6.02 -5.95
CA VAL A 348 26.43 -6.71 -5.52
C VAL A 348 26.49 -7.05 -4.03
N SER A 349 25.44 -6.70 -3.27
CA SER A 349 25.34 -7.07 -1.88
CA SER A 349 25.31 -6.98 -1.87
C SER A 349 23.92 -7.64 -1.69
N SER A 350 23.75 -8.51 -0.70
CA SER A 350 22.43 -9.10 -0.47
C SER A 350 22.05 -9.15 0.99
N TRP A 351 20.73 -9.10 1.22
CA TRP A 351 20.13 -9.18 2.49
C TRP A 351 18.98 -10.19 2.42
N VAL A 352 18.84 -11.03 3.48
CA VAL A 352 17.86 -12.12 3.56
C VAL A 352 16.93 -11.97 4.76
N SER A 353 15.64 -12.27 4.55
CA SER A 353 14.71 -12.46 5.62
C SER A 353 14.16 -13.85 5.50
N SER A 354 14.22 -14.62 6.59
CA SER A 354 13.76 -16.01 6.63
C SER A 354 13.28 -16.32 8.02
N GLY A 355 13.07 -17.61 8.28
CA GLY A 355 12.77 -18.07 9.63
C GLY A 355 13.78 -17.77 10.70
N THR A 356 15.00 -17.57 10.29
CA THR A 356 16.13 -17.25 11.14
C THR A 356 16.61 -15.83 11.03
N LEU A 357 16.60 -15.23 9.82
CA LEU A 357 17.23 -13.97 9.54
C LEU A 357 16.22 -12.88 9.40
N ASN A 358 16.52 -11.70 9.98
CA ASN A 358 15.72 -10.46 9.83
C ASN A 358 16.46 -9.34 9.08
N MET A 359 16.22 -9.25 7.76
CA MET A 359 16.84 -8.23 6.88
C MET A 359 18.36 -8.24 7.15
N ALA A 360 18.91 -9.44 7.13
CA ALA A 360 20.33 -9.63 7.51
C ALA A 360 21.25 -9.63 6.28
N LYS A 361 22.32 -8.86 6.39
CA LYS A 361 23.28 -8.76 5.33
C LYS A 361 23.99 -10.10 5.32
N THR A 362 24.17 -10.69 4.13
CA THR A 362 24.67 -12.06 4.01
C THR A 362 26.13 -12.21 4.11
N ASN A 363 26.87 -11.14 3.81
CA ASN A 363 28.36 -11.11 3.65
C ASN A 363 28.79 -12.06 2.61
N SER A 364 27.99 -12.24 1.58
CA SER A 364 28.32 -13.22 0.58
C SER A 364 29.33 -12.52 -0.36
N ASN A 365 30.01 -13.23 -1.18
CA ASN A 365 31.06 -12.47 -1.88
C ASN A 365 30.70 -12.59 -3.29
N ILE A 366 29.76 -11.76 -3.73
CA ILE A 366 29.15 -12.03 -5.02
C ILE A 366 29.94 -11.27 -6.05
N SER A 367 30.36 -11.94 -7.09
CA SER A 367 31.00 -11.23 -8.18
C SER A 367 30.11 -11.35 -9.42
N ALA A 368 30.04 -10.25 -10.13
CA ALA A 368 29.29 -10.15 -11.35
C ALA A 368 30.27 -9.95 -12.53
N ALA A 369 30.02 -10.69 -13.59
CA ALA A 369 30.73 -10.55 -14.86
C ALA A 369 29.70 -10.52 -15.97
N ASN A 370 29.73 -9.49 -16.78
CA ASN A 370 28.77 -9.35 -17.87
C ASN A 370 27.32 -9.54 -17.40
N GLY A 371 27.07 -8.96 -16.22
CA GLY A 371 25.77 -8.95 -15.64
C GLY A 371 25.30 -10.22 -14.99
N ARG A 372 26.15 -11.24 -14.91
CA ARG A 372 25.76 -12.54 -14.37
C ARG A 372 26.36 -12.78 -13.04
N PHE A 373 25.54 -13.26 -12.14
CA PHE A 373 25.98 -13.73 -10.84
C PHE A 373 25.03 -14.83 -10.44
N ASN A 374 25.41 -15.62 -9.44
CA ASN A 374 24.47 -16.54 -8.88
C ASN A 374 24.54 -16.61 -7.36
N ALA A 375 23.50 -17.20 -6.77
CA ALA A 375 23.40 -17.22 -5.32
C ALA A 375 22.44 -18.30 -4.87
N SER A 376 22.64 -18.69 -3.63
CA SER A 376 21.82 -19.70 -3.01
C SER A 376 20.72 -18.98 -2.25
N LEU A 377 19.51 -19.44 -2.40
CA LEU A 377 18.33 -18.80 -1.77
C LEU A 377 17.84 -19.72 -0.68
N PRO A 378 17.84 -19.24 0.57
CA PRO A 378 17.52 -20.19 1.61
C PRO A 378 16.07 -20.61 1.52
N ALA A 379 15.75 -21.73 2.14
CA ALA A 379 14.38 -22.18 2.16
C ALA A 379 13.43 -21.08 2.70
N GLN A 380 12.25 -21.02 2.14
CA GLN A 380 11.21 -20.09 2.64
C GLN A 380 11.80 -18.76 3.02
N SER A 381 12.35 -18.11 2.03
CA SER A 381 13.11 -16.86 2.25
C SER A 381 12.82 -15.83 1.20
N VAL A 382 13.20 -14.60 1.52
CA VAL A 382 13.23 -13.48 0.58
C VAL A 382 14.63 -12.88 0.63
N THR A 383 15.28 -12.80 -0.52
CA THR A 383 16.55 -12.14 -0.72
C THR A 383 16.39 -10.88 -1.55
N THR A 384 17.02 -9.82 -1.15
CA THR A 384 17.15 -8.62 -1.97
C THR A 384 18.62 -8.37 -2.25
N PHE A 385 18.92 -8.31 -3.56
CA PHE A 385 20.26 -7.92 -4.10
C PHE A 385 20.22 -6.50 -4.46
N VAL A 386 21.24 -5.75 -4.11
CA VAL A 386 21.39 -4.38 -4.53
C VAL A 386 22.76 -4.25 -5.18
N ALA A 387 22.80 -3.67 -6.38
CA ALA A 387 24.04 -3.49 -7.11
C ALA A 387 24.13 -2.16 -7.72
N ASP A 388 25.35 -1.71 -7.97
CA ASP A 388 25.59 -0.49 -8.78
C ASP A 388 25.36 -0.79 -10.22
N ALA A 389 24.75 0.14 -10.93
CA ALA A 389 24.26 -0.05 -12.33
C ALA A 389 24.25 1.25 -13.13
#